data_8PP9
#
_entry.id   8PP9
#
_cell.length_a   72.504
_cell.length_b   97.509
_cell.length_c   191.487
_cell.angle_alpha   90.00
_cell.angle_beta   90.00
_cell.angle_gamma   90.00
#
_symmetry.space_group_name_H-M   'C 2 2 21'
#
loop_
_entity.id
_entity.type
_entity.pdbx_description
1 polymer 'Inositol-trisphosphate 3-kinase A'
2 non-polymer 'scyllo-inositol 1,2,3,5-tetrakisphosphate'
3 non-polymer "ADENOSINE-5'-DIPHOSPHATE"
4 non-polymer 'SULFATE ION'
5 non-polymer 'MANGANESE (II) ION'
6 water water
#
_entity_poly.entity_id   1
_entity_poly.type   'polypeptide(L)'
_entity_poly.pdbx_seq_one_letter_code
;GSHMSWVQLAGHTGSFKAAGTSGLILKRCSEPERYCLARLMADALRGCVPAFHGVVERDGESYLQLQDLLDGFDGPCVLD
CKMGVRTYLEEELTKARERPKLRKDMYKKMLAVDPEAPTEEEHAQRAVTKPRYMQWREGISSSTTLGFRIEGIKKADGSC
STDFKTTRSREQVLRVFEEFVQGDEEVLRRYLNRLQQIRDTLEVSEFFRRHEVIGSSLLFVHDHCHRAGVWLIDFGKTTP
LPDGQILDHRRPWEEGNREDGYLLGLDNLIGILASLAER
;
_entity_poly.pdbx_strand_id   A,B
#
# COMPACT_ATOMS: atom_id res chain seq x y z
N GLY A 1 9.66 -10.20 -12.48
CA GLY A 1 11.05 -10.01 -12.99
C GLY A 1 12.05 -9.86 -11.85
N SER A 2 11.81 -8.92 -10.95
CA SER A 2 12.64 -8.68 -9.72
C SER A 2 11.81 -7.91 -8.69
N HIS A 3 12.08 -8.10 -7.40
CA HIS A 3 11.36 -7.41 -6.29
C HIS A 3 11.81 -5.93 -6.23
N MET A 4 13.09 -5.66 -6.48
CA MET A 4 13.68 -4.28 -6.44
C MET A 4 13.13 -3.40 -7.58
N SER A 5 12.59 -4.01 -8.65
CA SER A 5 11.89 -3.33 -9.78
C SER A 5 10.87 -2.29 -9.26
N GLY A 14 11.80 -2.06 4.25
CA GLY A 14 13.10 -1.53 3.79
C GLY A 14 14.28 -2.41 4.18
N SER A 15 14.09 -3.73 4.23
CA SER A 15 15.14 -4.74 4.56
C SER A 15 15.90 -5.17 3.31
N PHE A 16 15.45 -4.76 2.10
CA PHE A 16 15.93 -5.34 0.81
C PHE A 16 16.79 -4.33 0.03
N LYS A 17 17.80 -4.85 -0.66
CA LYS A 17 18.71 -4.09 -1.58
C LYS A 17 18.99 -4.93 -2.83
N ALA A 18 19.20 -4.26 -3.96
CA ALA A 18 19.55 -4.88 -5.26
C ALA A 18 20.89 -5.61 -5.11
N ALA A 19 21.01 -6.79 -5.71
CA ALA A 19 22.27 -7.58 -5.74
C ALA A 19 22.99 -7.30 -7.07
N GLY A 20 24.30 -7.54 -7.12
CA GLY A 20 25.11 -7.39 -8.34
C GLY A 20 24.81 -8.50 -9.35
N THR A 21 24.60 -9.71 -8.84
CA THR A 21 24.34 -10.95 -9.63
C THR A 21 22.88 -10.98 -10.08
N SER A 22 22.64 -11.33 -11.34
CA SER A 22 21.28 -11.51 -11.93
C SER A 22 20.50 -12.54 -11.11
N GLY A 23 19.20 -12.29 -10.89
CA GLY A 23 18.27 -13.26 -10.26
C GLY A 23 18.47 -13.42 -8.77
N LEU A 24 19.26 -12.53 -8.14
CA LEU A 24 19.48 -12.52 -6.67
C LEU A 24 18.95 -11.21 -6.09
N ILE A 25 18.74 -11.20 -4.78
CA ILE A 25 18.31 -10.02 -3.99
C ILE A 25 19.07 -10.09 -2.67
N LEU A 26 19.37 -8.94 -2.05
CA LEU A 26 19.97 -8.88 -0.70
C LEU A 26 18.91 -8.52 0.34
N LYS A 27 18.89 -9.23 1.47
CA LYS A 27 18.04 -8.91 2.65
C LYS A 27 18.95 -8.66 3.85
N ARG A 28 18.65 -7.63 4.65
CA ARG A 28 19.39 -7.28 5.89
C ARG A 28 19.51 -8.54 6.73
N CYS A 29 20.74 -8.96 7.03
CA CYS A 29 21.06 -10.15 7.85
C CYS A 29 20.55 -9.96 9.29
N SER A 30 19.87 -10.98 9.82
CA SER A 30 19.37 -11.13 11.21
C SER A 30 19.79 -12.53 11.64
N GLU A 31 20.24 -12.72 12.88
CA GLU A 31 20.95 -13.97 13.28
C GLU A 31 20.00 -15.16 13.27
N PRO A 32 18.75 -15.03 13.77
CA PRO A 32 17.80 -16.14 13.71
C PRO A 32 17.54 -16.54 12.25
N GLU A 33 17.33 -15.56 11.37
CA GLU A 33 17.00 -15.82 9.94
C GLU A 33 18.18 -16.49 9.25
N ARG A 34 19.41 -16.01 9.47
CA ARG A 34 20.60 -16.65 8.85
C ARG A 34 20.73 -18.10 9.32
N TYR A 35 20.56 -18.36 10.62
CA TYR A 35 20.65 -19.72 11.22
C TYR A 35 19.65 -20.64 10.50
N CYS A 36 18.40 -20.16 10.36
CA CYS A 36 17.29 -20.94 9.76
C CYS A 36 17.59 -21.23 8.29
N LEU A 37 17.94 -20.23 7.48
CA LEU A 37 18.20 -20.47 6.03
C LEU A 37 19.34 -21.46 5.82
N ALA A 38 20.41 -21.38 6.60
CA ALA A 38 21.52 -22.36 6.51
C ALA A 38 21.00 -23.78 6.76
N ARG A 39 20.21 -23.99 7.81
CA ARG A 39 19.62 -25.33 8.15
C ARG A 39 18.70 -25.76 6.99
N LEU A 40 17.89 -24.83 6.47
CA LEU A 40 16.84 -25.13 5.47
C LEU A 40 17.45 -25.62 4.15
N MET A 41 18.65 -25.14 3.76
CA MET A 41 19.33 -25.57 2.50
C MET A 41 19.70 -27.06 2.57
N ALA A 42 19.76 -27.64 3.77
CA ALA A 42 20.11 -29.08 3.98
C ALA A 42 18.89 -29.87 4.42
N ASP A 43 17.71 -29.28 4.38
CA ASP A 43 16.48 -29.87 4.95
C ASP A 43 15.57 -30.32 3.82
N ALA A 44 14.57 -31.17 4.12
CA ALA A 44 13.48 -31.52 3.18
C ALA A 44 12.91 -30.24 2.55
N LEU A 45 12.86 -29.13 3.30
CA LEU A 45 12.18 -27.88 2.86
C LEU A 45 13.06 -27.04 1.94
N ARG A 46 14.25 -27.53 1.55
CA ARG A 46 15.19 -26.78 0.67
C ARG A 46 14.46 -26.10 -0.49
N GLY A 47 13.60 -26.84 -1.22
CA GLY A 47 12.97 -26.36 -2.45
C GLY A 47 11.76 -25.48 -2.19
N CYS A 48 11.32 -25.39 -0.93
CA CYS A 48 10.12 -24.66 -0.51
C CYS A 48 10.48 -23.26 -0.02
N VAL A 49 11.77 -22.92 -0.02
CA VAL A 49 12.26 -21.62 0.53
C VAL A 49 13.17 -21.04 -0.54
N PRO A 50 13.41 -19.71 -0.55
CA PRO A 50 14.34 -19.13 -1.50
C PRO A 50 15.75 -19.68 -1.25
N ALA A 51 16.51 -19.87 -2.33
CA ALA A 51 17.91 -20.32 -2.26
C ALA A 51 18.68 -19.29 -1.43
N PHE A 52 19.50 -19.77 -0.50
CA PHE A 52 20.35 -18.92 0.37
C PHE A 52 21.80 -19.20 -0.04
N HIS A 53 22.51 -18.17 -0.50
CA HIS A 53 23.87 -18.31 -1.10
C HIS A 53 24.95 -17.91 -0.10
N GLY A 54 24.58 -17.44 1.09
CA GLY A 54 25.52 -16.95 2.11
C GLY A 54 25.34 -15.47 2.37
N VAL A 55 26.28 -14.86 3.10
CA VAL A 55 26.22 -13.44 3.56
C VAL A 55 27.26 -12.62 2.80
N VAL A 56 26.92 -11.40 2.42
CA VAL A 56 27.84 -10.41 1.78
C VAL A 56 27.76 -9.09 2.55
N GLU A 57 28.83 -8.29 2.48
CA GLU A 57 28.95 -6.95 3.12
C GLU A 57 28.72 -5.87 2.05
N ARG A 58 27.87 -4.88 2.35
CA ARG A 58 27.56 -3.71 1.48
C ARG A 58 27.42 -2.46 2.36
N ASP A 59 28.25 -1.44 2.12
CA ASP A 59 28.21 -0.15 2.85
C ASP A 59 28.29 -0.43 4.36
N GLY A 60 29.25 -1.29 4.75
CA GLY A 60 29.52 -1.72 6.13
C GLY A 60 28.29 -2.33 6.81
N GLU A 61 27.56 -3.22 6.12
CA GLU A 61 26.42 -3.95 6.72
C GLU A 61 26.30 -5.36 6.10
N SER A 62 25.82 -6.32 6.90
CA SER A 62 25.67 -7.76 6.53
C SER A 62 24.33 -7.97 5.80
N TYR A 63 24.35 -8.66 4.65
CA TYR A 63 23.11 -9.01 3.91
C TYR A 63 23.11 -10.49 3.54
N LEU A 64 21.92 -11.12 3.62
CA LEU A 64 21.69 -12.47 3.05
C LEU A 64 21.58 -12.33 1.53
N GLN A 65 22.32 -13.15 0.79
CA GLN A 65 22.23 -13.25 -0.68
C GLN A 65 21.17 -14.30 -0.98
N LEU A 66 19.98 -13.86 -1.41
CA LEU A 66 18.80 -14.73 -1.66
C LEU A 66 18.46 -14.80 -3.14
N GLN A 67 17.90 -15.93 -3.52
CA GLN A 67 17.12 -16.04 -4.75
C GLN A 67 16.08 -14.92 -4.79
N ASP A 68 16.02 -14.20 -5.91
CA ASP A 68 14.89 -13.29 -6.21
C ASP A 68 13.74 -14.17 -6.73
N LEU A 69 12.74 -14.40 -5.90
CA LEU A 69 11.62 -15.30 -6.25
C LEU A 69 10.83 -14.76 -7.45
N LEU A 70 10.93 -13.45 -7.76
CA LEU A 70 10.15 -12.82 -8.84
C LEU A 70 10.84 -12.99 -10.20
N ASP A 71 12.10 -13.44 -10.23
CA ASP A 71 12.98 -13.48 -11.43
C ASP A 71 12.41 -14.34 -12.58
N GLY A 72 11.75 -15.46 -12.29
CA GLY A 72 11.22 -16.36 -13.34
C GLY A 72 9.95 -15.84 -14.01
N PHE A 73 9.37 -14.75 -13.51
CA PHE A 73 7.99 -14.31 -13.84
C PHE A 73 7.98 -13.07 -14.74
N ASP A 74 6.95 -12.95 -15.57
CA ASP A 74 6.74 -11.82 -16.50
C ASP A 74 5.59 -10.97 -15.94
N GLY A 75 5.92 -9.89 -15.24
CA GLY A 75 4.95 -8.99 -14.56
C GLY A 75 4.24 -9.71 -13.42
N PRO A 76 4.99 -10.17 -12.39
CA PRO A 76 4.40 -11.00 -11.33
C PRO A 76 3.34 -10.27 -10.50
N CYS A 77 2.30 -11.00 -10.16
CA CYS A 77 1.32 -10.73 -9.10
C CYS A 77 1.83 -11.44 -7.85
N VAL A 78 1.77 -10.81 -6.69
CA VAL A 78 2.33 -11.36 -5.41
C VAL A 78 1.28 -11.22 -4.31
N LEU A 79 1.09 -12.27 -3.52
CA LEU A 79 0.26 -12.20 -2.31
C LEU A 79 1.09 -12.78 -1.15
N ASP A 80 1.12 -12.06 -0.02
CA ASP A 80 1.88 -12.42 1.20
C ASP A 80 0.85 -12.89 2.23
N CYS A 81 0.91 -14.16 2.63
N CYS A 81 1.02 -14.11 2.71
CA CYS A 81 0.07 -14.77 3.69
CA CYS A 81 0.10 -14.77 3.67
C CYS A 81 0.94 -15.01 4.94
C CYS A 81 0.87 -15.09 4.97
N LYS A 82 0.65 -14.34 6.05
CA LYS A 82 1.36 -14.62 7.33
C LYS A 82 0.76 -15.86 7.99
N MET A 83 1.59 -16.85 8.26
CA MET A 83 1.12 -18.17 8.75
C MET A 83 1.22 -18.25 10.27
N GLY A 84 0.21 -18.84 10.88
CA GLY A 84 0.21 -19.19 12.31
C GLY A 84 -0.98 -18.59 13.02
N VAL A 85 -1.41 -19.22 14.12
CA VAL A 85 -2.47 -18.62 14.99
C VAL A 85 -1.84 -17.53 15.87
N ARG A 86 -0.55 -17.61 16.12
CA ARG A 86 0.21 -16.66 17.00
C ARG A 86 1.31 -16.02 16.16
N THR A 87 1.55 -14.71 16.33
CA THR A 87 2.40 -13.85 15.47
C THR A 87 3.49 -13.14 16.28
N TYR A 88 3.66 -13.53 17.55
CA TYR A 88 4.73 -13.01 18.45
C TYR A 88 5.33 -14.17 19.25
N LEU A 89 6.58 -14.00 19.70
CA LEU A 89 7.28 -15.00 20.56
C LEU A 89 6.72 -14.94 21.99
N GLU A 90 6.71 -16.09 22.67
CA GLU A 90 6.27 -16.19 24.08
C GLU A 90 7.11 -15.27 24.98
N GLU A 91 8.38 -15.01 24.64
CA GLU A 91 9.27 -14.14 25.45
C GLU A 91 8.74 -12.70 25.46
N GLU A 92 7.92 -12.32 24.48
CA GLU A 92 7.28 -10.97 24.44
C GLU A 92 6.29 -10.85 25.61
N LEU A 93 5.61 -11.96 25.96
CA LEU A 93 4.61 -12.00 27.06
C LEU A 93 5.32 -11.76 28.39
N THR A 94 6.46 -12.43 28.60
CA THR A 94 7.32 -12.26 29.80
C THR A 94 7.78 -10.80 29.88
N LYS A 95 8.32 -10.27 28.78
CA LYS A 95 8.90 -8.89 28.75
C LYS A 95 7.79 -7.89 29.11
N ALA A 96 6.58 -8.08 28.60
CA ALA A 96 5.43 -7.16 28.80
C ALA A 96 4.95 -7.19 30.25
N ARG A 97 5.17 -8.31 30.94
CA ARG A 97 4.78 -8.50 32.36
C ARG A 97 5.81 -7.86 33.30
N GLU A 98 7.10 -8.09 33.02
CA GLU A 98 8.22 -7.78 33.95
C GLU A 98 8.83 -6.41 33.60
N ARG A 99 8.53 -5.88 32.42
CA ARG A 99 9.27 -4.71 31.85
C ARG A 99 8.58 -4.20 30.60
N PRO A 100 7.27 -3.85 30.65
CA PRO A 100 6.54 -3.45 29.44
C PRO A 100 7.15 -2.21 28.77
N LYS A 101 7.29 -2.25 27.45
CA LYS A 101 7.60 -1.09 26.58
C LYS A 101 6.28 -0.60 25.99
N LEU A 102 5.66 0.41 26.60
CA LEU A 102 4.35 0.92 26.13
C LEU A 102 4.55 1.52 24.73
N ARG A 103 3.65 1.18 23.80
CA ARG A 103 3.75 1.53 22.36
C ARG A 103 2.60 2.48 22.00
N LYS A 104 2.91 3.76 21.82
CA LYS A 104 1.91 4.80 21.48
C LYS A 104 1.40 4.56 20.06
N ASP A 105 2.28 4.11 19.15
CA ASP A 105 1.94 3.84 17.72
C ASP A 105 0.87 2.74 17.68
N MET A 106 1.10 1.65 18.41
CA MET A 106 0.17 0.49 18.39
C MET A 106 -1.20 0.94 18.93
N TYR A 107 -1.27 1.80 19.96
CA TYR A 107 -2.55 2.36 20.49
C TYR A 107 -3.33 3.08 19.37
N LYS A 108 -2.63 3.93 18.61
CA LYS A 108 -3.27 4.75 17.53
C LYS A 108 -3.81 3.84 16.42
N LYS A 109 -2.99 2.87 15.98
CA LYS A 109 -3.34 1.87 14.93
C LYS A 109 -4.54 1.03 15.41
N MET A 110 -4.61 0.72 16.70
CA MET A 110 -5.77 -0.02 17.28
C MET A 110 -7.01 0.87 17.31
N LEU A 111 -6.90 2.07 17.89
CA LEU A 111 -8.02 3.04 18.02
C LEU A 111 -8.69 3.26 16.66
N ALA A 112 -7.85 3.44 15.62
CA ALA A 112 -8.21 3.69 14.21
C ALA A 112 -9.21 2.64 13.70
N VAL A 113 -9.02 1.36 14.05
CA VAL A 113 -9.84 0.23 13.54
C VAL A 113 -11.08 0.09 14.44
N ASP A 114 -10.89 0.11 15.77
CA ASP A 114 -11.99 -0.09 16.75
C ASP A 114 -11.78 0.77 17.97
N PRO A 115 -12.52 1.88 18.12
CA PRO A 115 -12.26 2.83 19.19
C PRO A 115 -12.67 2.26 20.56
N GLU A 116 -13.47 1.18 20.59
CA GLU A 116 -13.91 0.51 21.84
C GLU A 116 -12.95 -0.63 22.21
N ALA A 117 -11.94 -0.94 21.39
CA ALA A 117 -11.00 -2.07 21.61
C ALA A 117 -10.11 -1.80 22.82
N PRO A 118 -9.41 -0.63 22.91
CA PRO A 118 -8.52 -0.34 24.03
C PRO A 118 -9.30 -0.32 25.35
N THR A 119 -8.63 -0.72 26.44
CA THR A 119 -9.20 -0.68 27.81
C THR A 119 -9.15 0.77 28.31
N GLU A 120 -9.81 1.05 29.44
CA GLU A 120 -9.77 2.39 30.08
C GLU A 120 -8.31 2.78 30.33
N GLU A 121 -7.48 1.84 30.79
CA GLU A 121 -6.06 2.10 31.17
C GLU A 121 -5.24 2.36 29.91
N GLU A 122 -5.51 1.62 28.83
CA GLU A 122 -4.81 1.84 27.55
C GLU A 122 -5.13 3.23 27.00
N HIS A 123 -6.40 3.64 26.99
CA HIS A 123 -6.84 5.02 26.64
C HIS A 123 -6.09 6.04 27.51
N ALA A 124 -6.02 5.80 28.82
CA ALA A 124 -5.30 6.68 29.78
C ALA A 124 -3.81 6.77 29.43
N GLN A 125 -3.16 5.66 29.09
CA GLN A 125 -1.73 5.58 28.67
C GLN A 125 -1.56 6.13 27.23
N ARG A 126 -2.62 6.14 26.42
CA ARG A 126 -2.51 6.31 24.94
C ARG A 126 -1.46 5.32 24.38
N ALA A 127 -1.40 4.08 24.90
CA ALA A 127 -0.30 3.14 24.59
C ALA A 127 -0.69 1.71 24.98
N VAL A 128 -0.18 0.72 24.23
CA VAL A 128 -0.46 -0.72 24.48
C VAL A 128 0.86 -1.48 24.43
N THR A 129 0.88 -2.69 24.98
CA THR A 129 2.04 -3.63 24.89
C THR A 129 1.98 -4.29 23.51
N LYS A 130 3.13 -4.73 23.01
CA LYS A 130 3.23 -5.40 21.69
C LYS A 130 2.35 -6.65 21.69
N PRO A 131 2.49 -7.61 22.63
CA PRO A 131 1.68 -8.83 22.63
C PRO A 131 0.17 -8.53 22.57
N ARG A 132 -0.26 -7.53 23.32
CA ARG A 132 -1.67 -7.14 23.35
C ARG A 132 -2.08 -6.70 21.94
N TYR A 133 -1.28 -5.85 21.31
CA TYR A 133 -1.55 -5.31 19.96
C TYR A 133 -1.63 -6.45 18.94
N MET A 134 -0.65 -7.34 19.00
CA MET A 134 -0.55 -8.49 18.05
C MET A 134 -1.71 -9.46 18.30
N GLN A 135 -2.11 -9.71 19.55
CA GLN A 135 -3.27 -10.59 19.88
C GLN A 135 -4.56 -9.99 19.30
N TRP A 136 -4.74 -8.68 19.45
CA TRP A 136 -5.91 -7.96 18.90
C TRP A 136 -5.98 -8.13 17.38
N ARG A 137 -4.85 -7.89 16.72
CA ARG A 137 -4.64 -8.02 15.25
C ARG A 137 -5.02 -9.44 14.81
N GLU A 138 -4.59 -10.44 15.57
CA GLU A 138 -4.88 -11.86 15.28
C GLU A 138 -6.40 -12.06 15.27
N GLY A 139 -7.14 -11.38 16.17
CA GLY A 139 -8.57 -11.66 16.42
C GLY A 139 -9.49 -10.99 15.41
N ILE A 140 -9.11 -9.84 14.86
CA ILE A 140 -9.95 -9.08 13.88
C ILE A 140 -9.62 -9.55 12.46
N SER A 141 -8.46 -10.18 12.26
CA SER A 141 -8.10 -10.91 11.02
C SER A 141 -8.49 -12.39 11.15
N SER A 142 -8.06 -13.21 10.20
CA SER A 142 -8.32 -14.67 10.18
C SER A 142 -7.28 -15.43 11.01
N SER A 143 -6.24 -14.77 11.53
CA SER A 143 -5.13 -15.47 12.24
C SER A 143 -5.70 -16.40 13.33
N THR A 144 -6.49 -15.89 14.27
CA THR A 144 -6.90 -16.69 15.46
C THR A 144 -7.71 -17.90 15.02
N THR A 145 -8.67 -17.71 14.12
CA THR A 145 -9.70 -18.74 13.79
C THR A 145 -9.22 -19.68 12.67
N LEU A 146 -8.50 -19.17 11.67
CA LEU A 146 -8.06 -19.97 10.48
C LEU A 146 -6.56 -20.28 10.52
N GLY A 147 -5.75 -19.60 11.35
CA GLY A 147 -4.30 -19.92 11.45
C GLY A 147 -3.47 -19.28 10.36
N PHE A 148 -3.99 -18.31 9.62
CA PHE A 148 -3.21 -17.48 8.68
C PHE A 148 -3.97 -16.18 8.43
N ARG A 149 -3.33 -15.23 7.78
CA ARG A 149 -4.03 -14.02 7.35
C ARG A 149 -3.33 -13.44 6.13
N ILE A 150 -4.10 -12.84 5.25
CA ILE A 150 -3.54 -12.09 4.10
C ILE A 150 -2.93 -10.80 4.62
N GLU A 151 -1.70 -10.49 4.21
CA GLU A 151 -0.98 -9.26 4.64
C GLU A 151 -0.98 -8.21 3.52
N GLY A 152 -0.81 -8.62 2.27
CA GLY A 152 -0.61 -7.64 1.19
C GLY A 152 -0.71 -8.28 -0.18
N ILE A 153 -1.11 -7.50 -1.17
CA ILE A 153 -1.05 -7.92 -2.60
C ILE A 153 -0.28 -6.86 -3.38
N LYS A 154 0.55 -7.30 -4.34
CA LYS A 154 1.13 -6.47 -5.43
C LYS A 154 0.60 -7.05 -6.74
N LYS A 155 -0.07 -6.23 -7.56
CA LYS A 155 -0.68 -6.71 -8.84
C LYS A 155 0.29 -6.38 -9.97
N ALA A 156 0.10 -7.05 -11.11
CA ALA A 156 0.89 -6.87 -12.35
C ALA A 156 0.73 -5.43 -12.89
N ASP A 157 -0.40 -4.76 -12.60
CA ASP A 157 -0.70 -3.38 -13.06
C ASP A 157 0.03 -2.32 -12.18
N GLY A 158 0.92 -2.74 -11.27
CA GLY A 158 1.77 -1.84 -10.45
C GLY A 158 1.12 -1.48 -9.14
N SER A 159 -0.18 -1.73 -9.01
CA SER A 159 -0.98 -1.43 -7.81
C SER A 159 -0.58 -2.37 -6.68
N CYS A 160 -0.70 -1.90 -5.44
CA CYS A 160 -0.50 -2.73 -4.22
C CYS A 160 -1.51 -2.35 -3.15
N SER A 161 -1.77 -3.26 -2.24
CA SER A 161 -2.71 -3.06 -1.12
C SER A 161 -2.25 -3.83 0.11
N THR A 162 -2.38 -3.20 1.28
CA THR A 162 -2.25 -3.83 2.60
C THR A 162 -3.56 -3.73 3.39
N ASP A 163 -4.69 -3.54 2.72
CA ASP A 163 -5.99 -3.21 3.36
C ASP A 163 -6.77 -4.50 3.68
N PHE A 164 -6.26 -5.33 4.61
CA PHE A 164 -6.79 -6.68 4.94
C PHE A 164 -6.88 -6.90 6.45
N LYS A 165 -6.76 -5.84 7.25
CA LYS A 165 -6.68 -6.00 8.71
C LYS A 165 -7.98 -6.58 9.26
N THR A 166 -9.13 -6.45 8.58
CA THR A 166 -10.43 -7.02 9.01
C THR A 166 -10.93 -8.09 8.04
N THR A 167 -10.04 -8.65 7.22
CA THR A 167 -10.33 -9.86 6.40
C THR A 167 -10.27 -11.05 7.34
N ARG A 168 -11.41 -11.64 7.72
CA ARG A 168 -11.47 -12.61 8.83
C ARG A 168 -12.18 -13.91 8.42
N SER A 169 -13.36 -13.84 7.79
CA SER A 169 -14.20 -15.04 7.56
C SER A 169 -13.59 -15.86 6.42
N ARG A 170 -13.83 -17.16 6.44
CA ARG A 170 -13.47 -18.09 5.33
C ARG A 170 -13.87 -17.45 3.99
N GLU A 171 -15.09 -16.96 3.88
CA GLU A 171 -15.62 -16.44 2.59
C GLU A 171 -14.93 -15.12 2.22
N GLN A 172 -14.64 -14.23 3.17
CA GLN A 172 -13.85 -12.99 2.92
C GLN A 172 -12.47 -13.34 2.34
N VAL A 173 -11.81 -14.35 2.92
CA VAL A 173 -10.46 -14.79 2.46
C VAL A 173 -10.57 -15.33 1.02
N LEU A 174 -11.50 -16.24 0.78
CA LEU A 174 -11.78 -16.81 -0.56
C LEU A 174 -11.97 -15.67 -1.57
N ARG A 175 -12.75 -14.63 -1.23
CA ARG A 175 -12.99 -13.51 -2.18
C ARG A 175 -11.69 -12.77 -2.49
N VAL A 176 -10.75 -12.68 -1.55
CA VAL A 176 -9.44 -12.03 -1.85
C VAL A 176 -8.63 -12.89 -2.86
N PHE A 177 -8.55 -14.21 -2.64
CA PHE A 177 -7.83 -15.11 -3.58
C PHE A 177 -8.53 -15.14 -4.95
N GLU A 178 -9.86 -15.18 -4.95
CA GLU A 178 -10.67 -15.12 -6.20
C GLU A 178 -10.29 -13.89 -7.01
N GLU A 179 -10.18 -12.73 -6.38
CA GLU A 179 -9.78 -11.48 -7.09
C GLU A 179 -8.31 -11.57 -7.48
N PHE A 180 -7.47 -12.20 -6.65
CA PHE A 180 -6.02 -12.35 -6.92
C PHE A 180 -5.79 -13.17 -8.19
N VAL A 181 -6.46 -14.31 -8.36
CA VAL A 181 -6.16 -15.23 -9.50
C VAL A 181 -6.95 -14.83 -10.76
N GLN A 182 -7.94 -13.94 -10.63
CA GLN A 182 -8.65 -13.33 -11.79
C GLN A 182 -9.08 -14.44 -12.77
N GLY A 183 -9.69 -15.49 -12.24
CA GLY A 183 -10.32 -16.59 -13.00
C GLY A 183 -9.33 -17.48 -13.76
N ASP A 184 -8.02 -17.38 -13.51
CA ASP A 184 -6.99 -18.22 -14.17
C ASP A 184 -6.98 -19.60 -13.52
N GLU A 185 -7.63 -20.58 -14.14
CA GLU A 185 -7.81 -21.96 -13.59
C GLU A 185 -6.45 -22.64 -13.48
N GLU A 186 -5.51 -22.28 -14.37
CA GLU A 186 -4.19 -22.96 -14.45
C GLU A 186 -3.35 -22.48 -13.26
N VAL A 187 -3.37 -21.19 -12.98
CA VAL A 187 -2.61 -20.65 -11.82
C VAL A 187 -3.16 -21.27 -10.52
N LEU A 188 -4.48 -21.31 -10.32
CA LEU A 188 -5.09 -21.86 -9.10
C LEU A 188 -4.72 -23.33 -8.96
N ARG A 189 -4.76 -24.10 -10.06
CA ARG A 189 -4.47 -25.55 -9.97
C ARG A 189 -2.99 -25.71 -9.57
N ARG A 190 -2.10 -24.91 -10.15
CA ARG A 190 -0.65 -24.95 -9.80
C ARG A 190 -0.40 -24.50 -8.36
N TYR A 191 -1.09 -23.46 -7.89
CA TYR A 191 -1.00 -23.09 -6.46
C TYR A 191 -1.41 -24.26 -5.56
N LEU A 192 -2.51 -24.94 -5.86
CA LEU A 192 -3.01 -26.03 -5.01
C LEU A 192 -2.04 -27.22 -5.02
N ASN A 193 -1.50 -27.55 -6.18
CA ASN A 193 -0.48 -28.63 -6.31
C ASN A 193 0.73 -28.26 -5.47
N ARG A 194 1.17 -27.02 -5.52
CA ARG A 194 2.35 -26.57 -4.76
C ARG A 194 2.04 -26.61 -3.26
N LEU A 195 0.88 -26.11 -2.81
CA LEU A 195 0.57 -26.12 -1.36
C LEU A 195 0.47 -27.57 -0.86
N GLN A 196 -0.08 -28.49 -1.67
CA GLN A 196 -0.21 -29.92 -1.26
C GLN A 196 1.21 -30.49 -1.08
N GLN A 197 2.14 -30.17 -1.98
CA GLN A 197 3.53 -30.68 -1.91
C GLN A 197 4.25 -30.01 -0.73
N ILE A 198 4.09 -28.71 -0.51
CA ILE A 198 4.67 -28.04 0.69
C ILE A 198 4.13 -28.69 1.97
N ARG A 199 2.83 -28.97 2.07
CA ARG A 199 2.28 -29.57 3.30
C ARG A 199 2.98 -30.92 3.54
N ASP A 200 3.12 -31.72 2.50
CA ASP A 200 3.77 -33.06 2.58
C ASP A 200 5.21 -32.89 3.07
N THR A 201 5.94 -31.90 2.56
CA THR A 201 7.34 -31.62 2.93
C THR A 201 7.41 -31.17 4.38
N LEU A 202 6.51 -30.27 4.80
CA LEU A 202 6.53 -29.77 6.19
C LEU A 202 6.28 -30.95 7.15
N GLU A 203 5.37 -31.86 6.79
CA GLU A 203 5.02 -33.02 7.66
C GLU A 203 6.22 -33.99 7.78
N VAL A 204 7.22 -33.95 6.93
CA VAL A 204 8.37 -34.90 7.09
C VAL A 204 9.65 -34.16 7.47
N SER A 205 9.64 -32.82 7.44
CA SER A 205 10.85 -31.99 7.65
C SER A 205 11.39 -32.12 9.07
N GLU A 206 12.69 -32.43 9.19
CA GLU A 206 13.39 -32.44 10.50
C GLU A 206 13.39 -31.01 11.08
N PHE A 207 13.67 -30.01 10.25
CA PHE A 207 13.63 -28.58 10.67
C PHE A 207 12.27 -28.28 11.28
N PHE A 208 11.18 -28.53 10.55
CA PHE A 208 9.83 -28.07 10.95
C PHE A 208 9.41 -28.70 12.30
N ARG A 209 9.67 -29.98 12.52
CA ARG A 209 9.21 -30.63 13.77
C ARG A 209 9.98 -30.08 14.98
N ARG A 210 11.19 -29.53 14.79
N ARG A 210 11.21 -29.53 14.77
CA ARG A 210 12.08 -29.08 15.91
CA ARG A 210 12.11 -29.07 15.85
C ARG A 210 12.14 -27.54 15.98
C ARG A 210 11.91 -27.58 16.17
N HIS A 211 11.27 -26.81 15.28
CA HIS A 211 11.24 -25.33 15.35
C HIS A 211 9.82 -24.79 15.48
N GLU A 212 9.72 -23.70 16.23
CA GLU A 212 8.54 -22.85 16.42
C GLU A 212 8.60 -21.80 15.31
N VAL A 213 7.64 -21.80 14.39
CA VAL A 213 7.70 -20.98 13.16
C VAL A 213 6.71 -19.84 13.30
N ILE A 214 7.19 -18.69 13.76
CA ILE A 214 6.35 -17.52 14.10
C ILE A 214 6.71 -16.39 13.14
N GLY A 215 5.68 -15.74 12.60
CA GLY A 215 5.78 -14.52 11.78
C GLY A 215 6.33 -14.79 10.39
N SER A 216 6.41 -16.05 9.94
CA SER A 216 6.79 -16.40 8.55
C SER A 216 5.56 -16.23 7.64
N SER A 217 5.78 -16.16 6.35
CA SER A 217 4.71 -16.06 5.34
C SER A 217 4.86 -17.18 4.31
N LEU A 218 3.76 -17.45 3.62
CA LEU A 218 3.77 -18.06 2.27
C LEU A 218 3.64 -16.95 1.24
N LEU A 219 4.59 -16.87 0.32
CA LEU A 219 4.54 -15.89 -0.79
C LEU A 219 4.02 -16.59 -2.04
N PHE A 220 2.85 -16.16 -2.52
CA PHE A 220 2.22 -16.63 -3.77
C PHE A 220 2.67 -15.70 -4.88
N VAL A 221 3.21 -16.26 -5.97
CA VAL A 221 3.67 -15.48 -7.14
C VAL A 221 3.14 -16.12 -8.43
N HIS A 222 2.46 -15.34 -9.29
CA HIS A 222 1.97 -15.83 -10.60
C HIS A 222 2.08 -14.73 -11.65
N ASP A 223 1.98 -15.11 -12.92
CA ASP A 223 2.00 -14.14 -14.03
C ASP A 223 0.95 -14.51 -15.08
N HIS A 224 0.87 -13.68 -16.11
CA HIS A 224 -0.15 -13.79 -17.19
C HIS A 224 0.19 -14.97 -18.11
N CYS A 225 1.41 -15.50 -18.00
CA CYS A 225 1.86 -16.74 -18.72
C CYS A 225 1.46 -18.00 -17.96
N HIS A 226 0.77 -17.85 -16.82
CA HIS A 226 0.17 -18.92 -15.97
C HIS A 226 1.26 -19.62 -15.14
N ARG A 227 2.45 -19.04 -15.05
CA ARG A 227 3.52 -19.50 -14.11
C ARG A 227 3.02 -19.19 -12.70
N ALA A 228 3.21 -20.10 -11.77
CA ALA A 228 2.74 -19.95 -10.39
C ALA A 228 3.72 -20.65 -9.46
N GLY A 229 4.10 -19.98 -8.39
CA GLY A 229 5.00 -20.56 -7.36
C GLY A 229 4.57 -20.12 -5.98
N VAL A 230 4.94 -20.90 -4.98
CA VAL A 230 4.69 -20.53 -3.56
C VAL A 230 5.98 -20.87 -2.81
N TRP A 231 6.40 -20.00 -1.92
CA TRP A 231 7.59 -20.28 -1.09
C TRP A 231 7.34 -19.82 0.34
N LEU A 232 7.99 -20.47 1.29
CA LEU A 232 8.00 -19.96 2.70
C LEU A 232 9.06 -18.88 2.77
N ILE A 233 8.77 -17.76 3.42
CA ILE A 233 9.80 -16.70 3.62
C ILE A 233 9.72 -16.18 5.07
N ASP A 234 10.77 -15.48 5.48
CA ASP A 234 10.81 -14.64 6.71
C ASP A 234 10.94 -15.53 7.94
N PHE A 235 12.18 -15.91 8.25
CA PHE A 235 12.53 -16.83 9.36
C PHE A 235 13.13 -16.04 10.53
N GLY A 236 12.80 -14.74 10.63
CA GLY A 236 13.38 -13.86 11.66
C GLY A 236 12.91 -14.18 13.07
N LYS A 237 11.79 -14.90 13.23
CA LYS A 237 11.24 -15.30 14.55
C LYS A 237 11.01 -16.81 14.61
N THR A 238 11.78 -17.58 13.86
CA THR A 238 11.75 -19.07 13.88
C THR A 238 12.89 -19.53 14.79
N THR A 239 12.59 -20.25 15.88
CA THR A 239 13.59 -20.66 16.91
C THR A 239 13.44 -22.14 17.25
N PRO A 240 14.56 -22.87 17.51
CA PRO A 240 14.49 -24.28 17.85
C PRO A 240 13.90 -24.56 19.25
N LEU A 241 13.16 -25.66 19.41
CA LEU A 241 12.65 -26.09 20.73
C LEU A 241 13.84 -26.59 21.56
N PRO A 242 13.82 -26.39 22.89
CA PRO A 242 14.94 -26.80 23.75
C PRO A 242 14.97 -28.34 23.91
N ASP A 243 16.18 -28.89 24.13
CA ASP A 243 16.47 -30.33 24.41
C ASP A 243 15.48 -31.23 23.68
N GLY A 244 15.52 -31.20 22.34
CA GLY A 244 14.89 -32.21 21.45
C GLY A 244 13.39 -32.39 21.67
N GLN A 245 12.68 -31.34 22.12
CA GLN A 245 11.20 -31.33 22.25
C GLN A 245 10.64 -31.04 20.83
N ILE A 246 9.40 -31.46 20.50
CA ILE A 246 8.82 -31.24 19.15
C ILE A 246 7.41 -30.64 19.25
N LEU A 247 6.96 -29.97 18.18
CA LEU A 247 5.59 -29.41 18.03
C LEU A 247 4.82 -30.27 17.02
N ASP A 248 3.49 -30.31 17.13
CA ASP A 248 2.61 -30.94 16.11
C ASP A 248 2.12 -29.86 15.12
N HIS A 249 2.17 -28.56 15.47
CA HIS A 249 1.86 -27.44 14.55
C HIS A 249 0.38 -27.39 14.18
N ARG A 250 -0.49 -28.11 14.90
CA ARG A 250 -1.94 -28.09 14.67
C ARG A 250 -2.69 -27.74 15.99
N ARG A 251 -2.22 -28.22 17.13
CA ARG A 251 -2.98 -28.09 18.40
C ARG A 251 -2.96 -26.63 18.85
N PRO A 252 -3.97 -26.19 19.61
CA PRO A 252 -4.08 -24.80 20.04
C PRO A 252 -2.86 -24.34 20.86
N TRP A 253 -2.54 -23.05 20.74
CA TRP A 253 -1.44 -22.43 21.51
C TRP A 253 -1.93 -22.16 22.93
N GLU A 254 -1.11 -22.55 23.90
CA GLU A 254 -1.29 -22.27 25.35
C GLU A 254 0.09 -21.91 25.89
N GLU A 255 0.22 -20.73 26.52
CA GLU A 255 1.54 -20.19 26.91
C GLU A 255 2.36 -21.29 27.60
N GLY A 256 3.57 -21.53 27.09
CA GLY A 256 4.49 -22.60 27.55
C GLY A 256 4.62 -23.73 26.56
N ASN A 257 3.62 -24.00 25.72
CA ASN A 257 3.65 -25.15 24.77
C ASN A 257 4.27 -24.72 23.41
N ARG A 258 4.42 -23.42 23.16
CA ARG A 258 5.19 -22.87 21.99
C ARG A 258 4.53 -23.28 20.67
N GLU A 259 3.28 -23.73 20.69
CA GLU A 259 2.57 -24.17 19.46
C GLU A 259 2.28 -22.92 18.60
N ASP A 260 2.40 -23.03 17.28
CA ASP A 260 2.28 -21.90 16.31
C ASP A 260 1.03 -22.05 15.44
N GLY A 261 0.36 -23.21 15.45
CA GLY A 261 -0.79 -23.50 14.58
C GLY A 261 -0.48 -23.39 13.09
N TYR A 262 0.78 -23.53 12.68
CA TYR A 262 1.19 -23.34 11.28
C TYR A 262 0.38 -24.26 10.35
N LEU A 263 0.29 -25.55 10.66
CA LEU A 263 -0.39 -26.52 9.77
C LEU A 263 -1.92 -26.39 9.88
N LEU A 264 -2.46 -25.89 10.99
CA LEU A 264 -3.89 -25.51 11.06
C LEU A 264 -4.16 -24.48 9.96
N GLY A 265 -3.29 -23.47 9.86
CA GLY A 265 -3.35 -22.43 8.82
C GLY A 265 -3.26 -23.02 7.43
N LEU A 266 -2.24 -23.84 7.18
CA LEU A 266 -2.01 -24.40 5.82
C LEU A 266 -3.19 -25.30 5.44
N ASP A 267 -3.73 -26.09 6.37
CA ASP A 267 -4.91 -26.96 6.12
C ASP A 267 -6.07 -26.08 5.68
N ASN A 268 -6.32 -25.00 6.41
CA ASN A 268 -7.46 -24.10 6.12
C ASN A 268 -7.23 -23.41 4.78
N LEU A 269 -6.02 -22.97 4.50
CA LEU A 269 -5.64 -22.30 3.23
C LEU A 269 -5.84 -23.24 2.03
N ILE A 270 -5.37 -24.48 2.14
CA ILE A 270 -5.60 -25.49 1.08
C ILE A 270 -7.12 -25.65 0.89
N GLY A 271 -7.89 -25.72 1.98
CA GLY A 271 -9.35 -25.96 1.94
C GLY A 271 -10.09 -24.86 1.20
N ILE A 272 -9.64 -23.61 1.39
CA ILE A 272 -10.26 -22.40 0.80
C ILE A 272 -9.96 -22.39 -0.70
N LEU A 273 -8.69 -22.64 -1.08
CA LEU A 273 -8.29 -22.66 -2.51
C LEU A 273 -8.96 -23.84 -3.21
N ALA A 274 -9.11 -24.99 -2.55
CA ALA A 274 -9.83 -26.15 -3.11
C ALA A 274 -11.30 -25.78 -3.32
N SER A 275 -11.91 -25.03 -2.39
CA SER A 275 -13.32 -24.54 -2.48
C SER A 275 -13.45 -23.57 -3.66
N LEU A 276 -12.54 -22.62 -3.77
CA LEU A 276 -12.51 -21.64 -4.87
C LEU A 276 -12.44 -22.41 -6.20
N ALA A 277 -11.61 -23.46 -6.28
CA ALA A 277 -11.38 -24.19 -7.55
C ALA A 277 -12.69 -24.80 -8.04
N GLU A 278 -13.60 -25.16 -7.14
CA GLU A 278 -14.90 -25.82 -7.50
C GLU A 278 -16.00 -24.79 -7.74
N ARG A 279 -15.77 -23.49 -7.52
CA ARG A 279 -16.79 -22.43 -7.72
C ARG A 279 -17.01 -22.23 -9.21
N GLY B 1 -1.25 13.30 11.92
CA GLY B 1 -0.25 14.17 12.57
C GLY B 1 0.92 14.51 11.65
N SER B 2 1.42 13.54 10.87
CA SER B 2 2.70 13.65 10.13
C SER B 2 2.68 12.72 8.91
N HIS B 3 3.04 13.21 7.72
CA HIS B 3 3.21 12.34 6.52
C HIS B 3 4.38 11.39 6.76
N MET B 4 5.54 11.93 7.16
CA MET B 4 6.81 11.16 7.36
C MET B 4 6.59 10.00 8.35
N SER B 5 5.70 10.16 9.33
CA SER B 5 5.27 9.09 10.27
C SER B 5 4.75 7.88 9.47
N TRP B 6 3.83 8.11 8.51
CA TRP B 6 3.33 7.07 7.58
C TRP B 6 4.51 6.49 6.77
N VAL B 7 5.19 7.32 5.97
CA VAL B 7 6.23 6.94 4.95
C VAL B 7 7.10 5.81 5.53
N SER B 15 11.52 11.49 -2.55
CA SER B 15 10.74 12.70 -2.94
C SER B 15 10.51 13.61 -1.73
N PHE B 16 10.01 13.05 -0.63
CA PHE B 16 9.69 13.77 0.64
C PHE B 16 10.75 13.44 1.70
N LYS B 17 11.17 14.46 2.44
CA LYS B 17 12.15 14.36 3.56
C LYS B 17 11.57 15.08 4.78
N ALA B 18 11.84 14.57 5.98
CA ALA B 18 11.43 15.21 7.25
C ALA B 18 12.07 16.59 7.35
N ALA B 19 11.29 17.60 7.75
CA ALA B 19 11.78 18.97 8.04
C ALA B 19 12.27 19.00 9.50
N GLY B 20 13.11 19.96 9.84
CA GLY B 20 13.50 20.23 11.25
C GLY B 20 12.33 20.75 12.05
N THR B 21 11.61 21.74 11.50
CA THR B 21 10.47 22.47 12.12
C THR B 21 9.22 21.60 12.15
N SER B 22 8.59 21.47 13.32
CA SER B 22 7.31 20.73 13.49
C SER B 22 6.23 21.38 12.61
N GLY B 23 5.36 20.55 12.02
CA GLY B 23 4.27 20.99 11.13
C GLY B 23 4.72 21.22 9.70
N LEU B 24 6.01 21.05 9.39
CA LEU B 24 6.56 21.25 8.02
C LEU B 24 7.02 19.90 7.45
N ILE B 25 7.29 19.88 6.15
CA ILE B 25 7.79 18.70 5.39
C ILE B 25 8.58 19.25 4.20
N LEU B 26 9.59 18.51 3.77
CA LEU B 26 10.48 18.92 2.65
C LEU B 26 10.08 18.10 1.42
N LYS B 27 9.99 18.77 0.28
CA LYS B 27 9.77 18.13 -1.03
C LYS B 27 10.92 18.52 -1.95
N ARG B 28 11.56 17.52 -2.55
CA ARG B 28 12.60 17.72 -3.58
C ARG B 28 12.12 18.83 -4.51
N CYS B 29 12.91 19.91 -4.61
CA CYS B 29 12.61 21.08 -5.47
C CYS B 29 12.68 20.68 -6.95
N SER B 30 11.69 21.14 -7.72
CA SER B 30 11.65 21.16 -9.20
C SER B 30 11.21 22.57 -9.59
N GLU B 31 11.72 23.13 -10.68
CA GLU B 31 11.56 24.58 -10.94
C GLU B 31 10.11 24.90 -11.27
N PRO B 32 9.39 24.08 -12.09
CA PRO B 32 7.99 24.36 -12.38
C PRO B 32 7.20 24.47 -11.07
N GLU B 33 7.39 23.50 -10.15
CA GLU B 33 6.61 23.42 -8.88
C GLU B 33 6.94 24.64 -8.01
N ARG B 34 8.22 25.02 -7.87
CA ARG B 34 8.66 26.20 -7.10
C ARG B 34 8.02 27.46 -7.68
N TYR B 35 8.05 27.60 -9.00
CA TYR B 35 7.47 28.77 -9.71
C TYR B 35 5.98 28.85 -9.33
N CYS B 36 5.29 27.70 -9.37
CA CYS B 36 3.82 27.66 -9.12
C CYS B 36 3.53 28.08 -7.67
N LEU B 37 4.19 27.45 -6.71
CA LEU B 37 3.89 27.66 -5.27
C LEU B 37 4.19 29.12 -4.90
N ALA B 38 5.22 29.75 -5.47
CA ALA B 38 5.52 31.17 -5.21
C ALA B 38 4.34 32.02 -5.66
N ARG B 39 3.79 31.74 -6.84
CA ARG B 39 2.62 32.47 -7.40
C ARG B 39 1.38 32.19 -6.54
N LEU B 40 1.17 30.94 -6.15
CA LEU B 40 -0.06 30.54 -5.42
C LEU B 40 -0.15 31.23 -4.05
N MET B 41 0.98 31.55 -3.40
CA MET B 41 0.96 32.19 -2.07
C MET B 41 0.37 33.60 -2.16
N ALA B 42 0.37 34.18 -3.37
CA ALA B 42 -0.10 35.56 -3.66
C ALA B 42 -1.39 35.51 -4.50
N ASP B 43 -2.12 34.39 -4.50
CA ASP B 43 -3.27 34.16 -5.41
C ASP B 43 -4.52 33.90 -4.57
N ALA B 44 -5.70 33.99 -5.17
CA ALA B 44 -6.96 33.57 -4.54
C ALA B 44 -6.81 32.16 -3.95
N LEU B 45 -6.05 31.26 -4.59
CA LEU B 45 -5.89 29.86 -4.18
C LEU B 45 -4.94 29.66 -2.99
N ARG B 46 -4.43 30.72 -2.37
CA ARG B 46 -3.43 30.61 -1.28
C ARG B 46 -3.89 29.59 -0.23
N GLY B 47 -5.15 29.65 0.19
CA GLY B 47 -5.74 28.86 1.27
C GLY B 47 -6.02 27.43 0.85
N CYS B 48 -5.97 27.16 -0.45
CA CYS B 48 -6.38 25.86 -1.06
C CYS B 48 -5.17 24.98 -1.35
N VAL B 49 -3.95 25.47 -1.08
CA VAL B 49 -2.68 24.74 -1.36
C VAL B 49 -1.88 24.74 -0.08
N PRO B 50 -0.87 23.84 0.06
CA PRO B 50 -0.02 23.81 1.25
C PRO B 50 0.76 25.13 1.29
N ALA B 51 0.96 25.70 2.48
CA ALA B 51 1.85 26.86 2.68
C ALA B 51 3.24 26.52 2.13
N PHE B 52 3.82 27.44 1.36
CA PHE B 52 5.19 27.33 0.80
C PHE B 52 6.05 28.41 1.46
N HIS B 53 7.08 28.00 2.19
CA HIS B 53 7.92 28.91 3.02
C HIS B 53 9.22 29.28 2.32
N GLY B 54 9.50 28.67 1.17
CA GLY B 54 10.72 28.92 0.38
C GLY B 54 11.53 27.64 0.21
N VAL B 55 12.74 27.78 -0.35
CA VAL B 55 13.65 26.66 -0.72
C VAL B 55 14.77 26.59 0.31
N VAL B 56 15.13 25.37 0.75
CA VAL B 56 16.25 25.16 1.70
C VAL B 56 17.19 24.11 1.09
N GLU B 57 18.45 24.11 1.53
CA GLU B 57 19.50 23.13 1.14
C GLU B 57 19.62 22.09 2.27
N ARG B 58 19.49 20.80 1.93
CA ARG B 58 19.72 19.66 2.86
C ARG B 58 20.52 18.58 2.11
N ASP B 59 21.74 18.29 2.59
CA ASP B 59 22.70 17.35 1.94
C ASP B 59 23.03 17.91 0.55
N GLY B 60 23.38 19.21 0.49
CA GLY B 60 23.66 19.95 -0.75
C GLY B 60 22.63 19.72 -1.84
N GLU B 61 21.35 19.57 -1.47
CA GLU B 61 20.21 19.36 -2.41
C GLU B 61 19.05 20.28 -2.01
N SER B 62 18.37 20.86 -3.00
CA SER B 62 17.24 21.82 -2.83
C SER B 62 15.96 21.07 -2.45
N TYR B 63 15.26 21.58 -1.43
CA TYR B 63 13.93 21.09 -0.99
C TYR B 63 12.96 22.27 -0.88
N LEU B 64 11.72 22.05 -1.32
CA LEU B 64 10.60 22.96 -0.99
C LEU B 64 10.26 22.77 0.49
N GLN B 65 10.14 23.86 1.25
CA GLN B 65 9.70 23.87 2.67
C GLN B 65 8.16 24.06 2.71
N LEU B 66 7.40 22.99 2.95
CA LEU B 66 5.92 22.99 2.82
C LEU B 66 5.28 22.74 4.19
N GLN B 67 4.06 23.26 4.34
CA GLN B 67 3.11 22.83 5.38
C GLN B 67 2.94 21.32 5.23
N ASP B 68 3.04 20.60 6.34
CA ASP B 68 2.62 19.18 6.42
C ASP B 68 1.13 19.15 6.64
N LEU B 69 0.36 18.83 5.59
CA LEU B 69 -1.11 18.89 5.62
C LEU B 69 -1.71 17.93 6.65
N LEU B 70 -0.96 16.92 7.12
CA LEU B 70 -1.48 15.94 8.11
C LEU B 70 -1.31 16.48 9.53
N ASP B 71 -0.61 17.60 9.73
CA ASP B 71 -0.25 18.09 11.09
C ASP B 71 -1.49 18.26 11.97
N GLY B 72 -2.54 18.90 11.45
CA GLY B 72 -3.73 19.22 12.24
C GLY B 72 -4.66 18.04 12.47
N PHE B 73 -4.23 16.80 12.18
CA PHE B 73 -5.11 15.59 12.21
C PHE B 73 -4.60 14.57 13.22
N ASP B 74 -5.52 13.84 13.85
CA ASP B 74 -5.19 12.75 14.82
C ASP B 74 -5.51 11.42 14.14
N GLY B 75 -4.52 10.77 13.55
CA GLY B 75 -4.69 9.50 12.81
C GLY B 75 -5.41 9.76 11.48
N PRO B 76 -4.75 10.51 10.58
CA PRO B 76 -5.39 10.93 9.33
C PRO B 76 -5.57 9.75 8.35
N CYS B 77 -6.75 9.68 7.72
CA CYS B 77 -7.02 8.92 6.47
C CYS B 77 -6.79 9.86 5.29
N VAL B 78 -6.19 9.37 4.21
CA VAL B 78 -5.75 10.24 3.08
C VAL B 78 -6.21 9.60 1.78
N LEU B 79 -6.87 10.37 0.92
CA LEU B 79 -7.22 9.91 -0.45
C LEU B 79 -6.64 10.91 -1.43
N ASP B 80 -5.89 10.43 -2.42
CA ASP B 80 -5.25 11.28 -3.45
C ASP B 80 -6.04 11.09 -4.75
N CYS B 81 -6.46 12.20 -5.34
N CYS B 81 -6.62 12.18 -5.27
CA CYS B 81 -7.32 12.22 -6.53
CA CYS B 81 -7.37 12.25 -6.55
C CYS B 81 -6.65 13.02 -7.64
C CYS B 81 -6.56 13.02 -7.60
N LYS B 82 -6.11 12.37 -8.68
CA LYS B 82 -5.37 13.08 -9.76
C LYS B 82 -6.40 13.79 -10.64
N MET B 83 -6.24 15.10 -10.83
CA MET B 83 -7.24 15.93 -11.53
C MET B 83 -6.92 16.13 -13.01
N GLY B 84 -7.94 16.02 -13.85
CA GLY B 84 -7.76 16.37 -15.27
C GLY B 84 -8.18 15.25 -16.20
N VAL B 85 -8.65 15.61 -17.40
CA VAL B 85 -8.92 14.62 -18.48
C VAL B 85 -7.60 14.13 -19.07
N ARG B 86 -6.56 14.95 -18.98
CA ARG B 86 -5.24 14.69 -19.56
C ARG B 86 -4.21 14.74 -18.42
N THR B 87 -3.27 13.81 -18.45
CA THR B 87 -2.27 13.59 -17.36
C THR B 87 -0.83 13.76 -17.85
N TYR B 88 -0.62 14.24 -19.09
CA TYR B 88 0.72 14.47 -19.69
C TYR B 88 0.69 15.82 -20.41
N LEU B 89 1.86 16.44 -20.58
CA LEU B 89 2.00 17.71 -21.34
C LEU B 89 1.91 17.39 -22.85
N GLU B 90 1.41 18.33 -23.65
CA GLU B 90 1.22 18.15 -25.12
C GLU B 90 2.57 17.89 -25.79
N GLU B 91 3.63 18.53 -25.28
CA GLU B 91 5.04 18.38 -25.75
C GLU B 91 5.48 16.91 -25.73
N GLU B 92 4.84 16.03 -24.96
CA GLU B 92 5.13 14.57 -24.95
C GLU B 92 4.65 13.90 -26.25
N LEU B 93 3.66 14.47 -26.95
CA LEU B 93 3.07 13.89 -28.19
C LEU B 93 4.04 14.06 -29.36
N THR B 94 4.42 15.32 -29.63
CA THR B 94 5.42 15.71 -30.68
C THR B 94 6.51 14.64 -30.75
N LYS B 95 7.00 14.19 -29.58
CA LYS B 95 7.97 13.07 -29.41
C LYS B 95 7.20 11.78 -29.09
N ARG B 103 9.30 3.29 -24.49
CA ARG B 103 9.35 2.77 -23.10
C ARG B 103 8.82 1.32 -23.09
N LYS B 104 9.63 0.36 -22.64
CA LYS B 104 9.31 -1.09 -22.67
C LYS B 104 8.52 -1.45 -21.40
N ASP B 105 9.02 -1.05 -20.23
CA ASP B 105 8.36 -1.18 -18.91
C ASP B 105 6.86 -0.90 -19.05
N MET B 106 6.50 0.22 -19.68
CA MET B 106 5.09 0.67 -19.86
C MET B 106 4.29 -0.36 -20.69
N TYR B 107 4.91 -1.00 -21.69
CA TYR B 107 4.25 -2.04 -22.54
C TYR B 107 3.71 -3.18 -21.66
N LYS B 108 4.53 -3.67 -20.73
CA LYS B 108 4.27 -4.91 -19.93
C LYS B 108 2.96 -4.74 -19.16
N LYS B 109 2.80 -3.59 -18.49
CA LYS B 109 1.63 -3.25 -17.63
C LYS B 109 0.32 -3.46 -18.40
N MET B 110 0.31 -3.25 -19.71
CA MET B 110 -0.92 -3.27 -20.54
C MET B 110 -1.40 -4.72 -20.71
N LEU B 111 -0.48 -5.67 -20.79
CA LEU B 111 -0.80 -7.12 -20.84
C LEU B 111 -1.20 -7.56 -19.42
N ALA B 112 -0.56 -6.95 -18.42
CA ALA B 112 -0.86 -7.12 -16.97
C ALA B 112 -2.33 -6.79 -16.71
N VAL B 113 -2.83 -5.66 -17.23
CA VAL B 113 -4.25 -5.23 -17.07
C VAL B 113 -5.12 -6.03 -18.04
N ASP B 114 -4.84 -5.96 -19.36
CA ASP B 114 -5.46 -6.86 -20.38
C ASP B 114 -4.81 -6.64 -21.75
N PRO B 115 -4.30 -7.71 -22.41
CA PRO B 115 -3.84 -7.62 -23.80
C PRO B 115 -4.89 -7.06 -24.77
N ALA B 127 7.48 -2.24 -26.34
CA ALA B 127 7.70 -0.79 -26.09
C ALA B 127 6.48 0.00 -26.56
N VAL B 128 6.05 0.99 -25.76
CA VAL B 128 4.91 1.91 -26.04
C VAL B 128 5.40 3.34 -25.78
N THR B 129 4.77 4.35 -26.39
CA THR B 129 5.07 5.78 -26.13
C THR B 129 4.44 6.15 -24.78
N LYS B 130 5.00 7.16 -24.10
CA LYS B 130 4.52 7.71 -22.80
C LYS B 130 3.09 8.24 -22.98
N PRO B 131 2.83 9.15 -23.95
CA PRO B 131 1.47 9.60 -24.23
C PRO B 131 0.47 8.44 -24.37
N ARG B 132 0.79 7.46 -25.21
CA ARG B 132 -0.09 6.30 -25.51
C ARG B 132 -0.36 5.54 -24.20
N TYR B 133 0.67 5.33 -23.37
CA TYR B 133 0.49 4.63 -22.07
C TYR B 133 -0.45 5.47 -21.18
N MET B 134 -0.17 6.77 -21.08
CA MET B 134 -0.93 7.69 -20.20
C MET B 134 -2.35 7.87 -20.74
N GLN B 135 -2.53 7.88 -22.07
CA GLN B 135 -3.85 7.90 -22.75
C GLN B 135 -4.61 6.62 -22.40
N TRP B 136 -3.95 5.47 -22.44
CA TRP B 136 -4.58 4.17 -22.07
C TRP B 136 -4.96 4.19 -20.57
N ARG B 137 -4.11 4.69 -19.69
CA ARG B 137 -4.40 4.74 -18.22
C ARG B 137 -5.61 5.66 -17.98
N GLU B 138 -5.75 6.69 -18.81
CA GLU B 138 -6.85 7.69 -18.71
C GLU B 138 -8.18 7.00 -19.02
N GLY B 139 -8.19 6.07 -19.99
CA GLY B 139 -9.43 5.48 -20.52
C GLY B 139 -9.93 4.29 -19.73
N ILE B 140 -9.06 3.54 -19.03
CA ILE B 140 -9.48 2.38 -18.19
C ILE B 140 -9.84 2.87 -16.78
N SER B 141 -9.33 4.03 -16.36
CA SER B 141 -9.76 4.75 -15.13
C SER B 141 -10.88 5.72 -15.50
N SER B 142 -11.25 6.58 -14.57
CA SER B 142 -12.29 7.61 -14.78
C SER B 142 -11.72 8.88 -15.39
N SER B 143 -10.42 8.99 -15.64
CA SER B 143 -9.82 10.26 -16.11
C SER B 143 -10.57 10.76 -17.37
N THR B 144 -10.63 9.94 -18.42
CA THR B 144 -11.12 10.39 -19.74
C THR B 144 -12.57 10.88 -19.65
N THR B 145 -13.44 10.17 -18.96
CA THR B 145 -14.90 10.42 -18.93
C THR B 145 -15.29 11.38 -17.79
N LEU B 146 -14.66 11.29 -16.62
CA LEU B 146 -15.09 12.09 -15.44
C LEU B 146 -14.12 13.25 -15.16
N GLY B 147 -12.90 13.24 -15.68
CA GLY B 147 -11.90 14.31 -15.50
C GLY B 147 -11.17 14.24 -14.17
N PHE B 148 -11.13 13.06 -13.54
CA PHE B 148 -10.31 12.79 -12.33
C PHE B 148 -10.21 11.27 -12.16
N ARG B 149 -9.25 10.84 -11.35
CA ARG B 149 -9.20 9.42 -10.94
C ARG B 149 -8.63 9.34 -9.53
N ILE B 150 -9.11 8.36 -8.78
CA ILE B 150 -8.58 8.01 -7.45
C ILE B 150 -7.25 7.29 -7.64
N GLU B 151 -6.17 7.79 -7.05
CA GLU B 151 -4.80 7.21 -7.20
C GLU B 151 -4.55 6.28 -6.02
N GLY B 152 -4.96 6.67 -4.82
CA GLY B 152 -4.56 5.90 -3.63
C GLY B 152 -5.28 6.31 -2.37
N ILE B 153 -5.32 5.40 -1.41
CA ILE B 153 -5.86 5.63 -0.04
C ILE B 153 -4.82 5.18 0.97
N LYS B 154 -4.62 6.01 2.00
CA LYS B 154 -3.87 5.64 3.23
C LYS B 154 -4.84 5.71 4.40
N LYS B 155 -5.09 4.59 5.10
CA LYS B 155 -6.09 4.51 6.19
C LYS B 155 -5.41 4.87 7.51
N ALA B 156 -6.19 5.32 8.49
CA ALA B 156 -5.71 5.80 9.82
C ALA B 156 -4.78 4.76 10.46
N ASP B 157 -5.13 3.48 10.30
CA ASP B 157 -4.45 2.31 10.92
C ASP B 157 -3.08 2.03 10.27
N GLY B 158 -2.86 2.46 9.01
CA GLY B 158 -1.57 2.32 8.32
C GLY B 158 -1.68 1.51 7.04
N SER B 159 -2.82 0.82 6.85
CA SER B 159 -3.25 0.18 5.58
C SER B 159 -3.16 1.20 4.45
N CYS B 160 -2.71 0.75 3.28
CA CYS B 160 -2.35 1.52 2.07
C CYS B 160 -2.98 0.79 0.87
N SER B 161 -3.47 1.50 -0.15
CA SER B 161 -3.95 0.86 -1.41
C SER B 161 -3.81 1.81 -2.59
N THR B 162 -3.24 1.31 -3.69
CA THR B 162 -3.20 2.00 -5.01
C THR B 162 -3.96 1.17 -6.06
N ASP B 163 -4.85 0.26 -5.65
CA ASP B 163 -5.51 -0.71 -6.55
C ASP B 163 -6.81 -0.07 -7.09
N PHE B 164 -6.66 0.97 -7.91
CA PHE B 164 -7.78 1.79 -8.43
C PHE B 164 -7.64 2.02 -9.94
N LYS B 165 -6.78 1.25 -10.61
CA LYS B 165 -6.38 1.48 -12.03
C LYS B 165 -7.56 1.26 -12.98
N THR B 166 -8.56 0.46 -12.62
CA THR B 166 -9.79 0.20 -13.44
C THR B 166 -11.04 0.72 -12.74
N THR B 167 -10.91 1.67 -11.80
CA THR B 167 -12.05 2.33 -11.14
C THR B 167 -12.54 3.41 -12.12
N ARG B 168 -13.64 3.19 -12.82
CA ARG B 168 -13.98 4.03 -14.01
C ARG B 168 -15.36 4.65 -13.92
N SER B 169 -16.37 3.86 -13.56
CA SER B 169 -17.79 4.26 -13.61
C SER B 169 -18.05 5.21 -12.44
N ARG B 170 -19.04 6.09 -12.60
N ARG B 170 -19.04 6.09 -12.60
CA ARG B 170 -19.51 7.01 -11.55
CA ARG B 170 -19.52 7.03 -11.55
C ARG B 170 -19.80 6.21 -10.28
C ARG B 170 -19.81 6.22 -10.28
N GLU B 171 -20.52 5.09 -10.41
CA GLU B 171 -20.90 4.26 -9.24
C GLU B 171 -19.67 3.56 -8.64
N GLN B 172 -18.66 3.19 -9.42
CA GLN B 172 -17.38 2.62 -8.88
C GLN B 172 -16.67 3.68 -8.01
N VAL B 173 -16.61 4.91 -8.51
CA VAL B 173 -15.93 6.03 -7.79
C VAL B 173 -16.70 6.29 -6.49
N LEU B 174 -18.03 6.35 -6.54
CA LEU B 174 -18.89 6.60 -5.36
C LEU B 174 -18.62 5.51 -4.32
N ARG B 175 -18.51 4.24 -4.72
CA ARG B 175 -18.26 3.14 -3.74
C ARG B 175 -16.90 3.32 -3.05
N VAL B 176 -15.88 3.80 -3.75
CA VAL B 176 -14.52 4.04 -3.18
C VAL B 176 -14.68 5.15 -2.13
N PHE B 177 -15.36 6.25 -2.45
CA PHE B 177 -15.53 7.37 -1.49
C PHE B 177 -16.37 6.89 -0.31
N GLU B 178 -17.42 6.09 -0.55
CA GLU B 178 -18.29 5.51 0.51
C GLU B 178 -17.41 4.73 1.50
N GLU B 179 -16.52 3.88 1.01
CA GLU B 179 -15.63 3.08 1.88
C GLU B 179 -14.64 4.00 2.60
N PHE B 180 -14.15 5.04 1.93
CA PHE B 180 -13.14 5.95 2.50
C PHE B 180 -13.73 6.69 3.73
N VAL B 181 -14.95 7.21 3.64
CA VAL B 181 -15.53 8.03 4.76
C VAL B 181 -16.19 7.15 5.83
N GLN B 182 -16.49 5.88 5.54
CA GLN B 182 -16.98 4.90 6.56
C GLN B 182 -18.20 5.42 7.32
N GLY B 183 -19.17 6.01 6.62
CA GLY B 183 -20.47 6.41 7.19
C GLY B 183 -20.39 7.69 8.01
N ASP B 184 -19.25 8.40 7.99
CA ASP B 184 -19.06 9.66 8.76
C ASP B 184 -19.72 10.81 8.00
N GLU B 185 -20.95 11.13 8.36
CA GLU B 185 -21.79 12.16 7.69
C GLU B 185 -21.12 13.53 7.83
N GLU B 186 -20.48 13.78 8.98
CA GLU B 186 -19.86 15.08 9.29
C GLU B 186 -18.68 15.27 8.35
N VAL B 187 -17.83 14.26 8.21
CA VAL B 187 -16.64 14.33 7.31
C VAL B 187 -17.14 14.59 5.88
N LEU B 188 -18.12 13.81 5.43
CA LEU B 188 -18.63 13.99 4.04
C LEU B 188 -19.15 15.43 3.85
N ARG B 189 -19.93 15.93 4.81
CA ARG B 189 -20.50 17.31 4.73
C ARG B 189 -19.35 18.30 4.62
N ARG B 190 -18.30 18.14 5.43
CA ARG B 190 -17.13 19.06 5.45
C ARG B 190 -16.35 18.96 4.14
N TYR B 191 -16.20 17.76 3.59
CA TYR B 191 -15.54 17.58 2.27
C TYR B 191 -16.32 18.34 1.19
N LEU B 192 -17.65 18.22 1.18
CA LEU B 192 -18.46 18.86 0.13
C LEU B 192 -18.40 20.39 0.29
N ASN B 193 -18.43 20.87 1.51
CA ASN B 193 -18.38 22.34 1.77
C ASN B 193 -17.02 22.83 1.26
N ARG B 194 -15.93 22.12 1.52
CA ARG B 194 -14.58 22.52 1.08
C ARG B 194 -14.46 22.44 -0.45
N LEU B 195 -15.04 21.43 -1.11
CA LEU B 195 -14.95 21.34 -2.59
C LEU B 195 -15.72 22.49 -3.23
N GLN B 196 -16.87 22.89 -2.66
CA GLN B 196 -17.71 23.98 -3.21
C GLN B 196 -16.90 25.29 -3.12
N GLN B 197 -16.23 25.49 -1.99
CA GLN B 197 -15.44 26.71 -1.71
C GLN B 197 -14.21 26.71 -2.62
N ILE B 198 -13.52 25.57 -2.80
CA ILE B 198 -12.40 25.45 -3.77
C ILE B 198 -12.86 25.77 -5.19
N ARG B 199 -14.00 25.26 -5.62
CA ARG B 199 -14.48 25.50 -6.99
C ARG B 199 -14.70 27.02 -7.18
N ASP B 200 -15.33 27.66 -6.21
CA ASP B 200 -15.59 29.12 -6.28
C ASP B 200 -14.25 29.85 -6.38
N THR B 201 -13.26 29.45 -5.60
CA THR B 201 -11.90 30.02 -5.62
C THR B 201 -11.23 29.83 -6.99
N LEU B 202 -11.22 28.61 -7.54
CA LEU B 202 -10.64 28.34 -8.89
C LEU B 202 -11.29 29.23 -9.95
N GLU B 203 -12.60 29.41 -9.89
CA GLU B 203 -13.35 30.17 -10.93
C GLU B 203 -12.97 31.66 -10.94
N VAL B 204 -12.36 32.19 -9.88
CA VAL B 204 -11.94 33.62 -9.81
C VAL B 204 -10.41 33.77 -9.76
N SER B 205 -9.67 32.67 -9.62
CA SER B 205 -8.18 32.66 -9.52
C SER B 205 -7.49 33.22 -10.78
N GLU B 206 -6.63 34.23 -10.63
CA GLU B 206 -5.84 34.78 -11.78
C GLU B 206 -4.85 33.71 -12.22
N PHE B 207 -4.23 33.03 -11.26
CA PHE B 207 -3.30 31.92 -11.53
C PHE B 207 -4.00 30.87 -12.39
N PHE B 208 -5.18 30.41 -11.95
CA PHE B 208 -5.82 29.22 -12.55
C PHE B 208 -6.20 29.51 -14.00
N ARG B 209 -6.70 30.71 -14.29
CA ARG B 209 -7.19 31.04 -15.65
C ARG B 209 -6.01 31.06 -16.64
N ARG B 210 -4.79 31.32 -16.17
CA ARG B 210 -3.58 31.59 -17.01
C ARG B 210 -2.64 30.39 -17.01
N HIS B 211 -3.00 29.27 -16.36
CA HIS B 211 -2.12 28.09 -16.25
C HIS B 211 -2.85 26.82 -16.69
N GLU B 212 -2.10 25.94 -17.33
CA GLU B 212 -2.49 24.56 -17.69
C GLU B 212 -2.10 23.67 -16.51
N VAL B 213 -3.08 23.01 -15.89
CA VAL B 213 -2.86 22.31 -14.60
C VAL B 213 -2.93 20.82 -14.86
N ILE B 214 -1.78 20.18 -15.09
CA ILE B 214 -1.66 18.74 -15.45
C ILE B 214 -0.95 18.02 -14.31
N GLY B 215 -1.43 16.82 -13.95
CA GLY B 215 -0.74 15.92 -13.00
C GLY B 215 -0.86 16.39 -11.56
N SER B 216 -1.77 17.31 -11.28
CA SER B 216 -1.99 17.80 -9.90
C SER B 216 -3.05 16.92 -9.24
N SER B 217 -3.08 16.89 -7.92
CA SER B 217 -4.07 16.12 -7.15
C SER B 217 -4.87 17.03 -6.22
N LEU B 218 -6.06 16.57 -5.86
CA LEU B 218 -6.77 16.99 -4.63
C LEU B 218 -6.47 15.96 -3.57
N LEU B 219 -5.96 16.42 -2.43
CA LEU B 219 -5.65 15.55 -1.27
C LEU B 219 -6.74 15.71 -0.22
N PHE B 220 -7.47 14.64 -0.01
CA PHE B 220 -8.58 14.54 0.96
C PHE B 220 -8.01 13.97 2.25
N VAL B 221 -8.18 14.68 3.35
CA VAL B 221 -7.64 14.21 4.66
C VAL B 221 -8.77 14.32 5.68
N HIS B 222 -9.01 13.25 6.44
CA HIS B 222 -9.94 13.30 7.59
C HIS B 222 -9.46 12.40 8.73
N ASP B 223 -10.07 12.55 9.89
CA ASP B 223 -9.70 11.73 11.08
C ASP B 223 -10.96 11.33 11.85
N HIS B 224 -10.77 10.51 12.88
CA HIS B 224 -11.86 9.94 13.71
C HIS B 224 -12.55 11.04 14.53
N CYS B 225 -11.90 12.20 14.71
CA CYS B 225 -12.50 13.39 15.39
C CYS B 225 -13.32 14.23 14.41
N HIS B 226 -13.52 13.74 13.18
CA HIS B 226 -14.41 14.34 12.15
C HIS B 226 -13.78 15.59 11.52
N ARG B 227 -12.50 15.87 11.76
CA ARG B 227 -11.78 16.95 11.04
C ARG B 227 -11.63 16.53 9.58
N ALA B 228 -11.84 17.44 8.64
CA ALA B 228 -11.77 17.11 7.20
C ALA B 228 -11.15 18.28 6.47
N GLY B 229 -10.22 18.02 5.57
CA GLY B 229 -9.60 19.06 4.73
C GLY B 229 -9.41 18.56 3.32
N VAL B 230 -9.27 19.47 2.37
CA VAL B 230 -8.92 19.16 0.96
C VAL B 230 -7.98 20.24 0.51
N TRP B 231 -6.89 19.88 -0.17
CA TRP B 231 -5.92 20.81 -0.76
C TRP B 231 -5.54 20.34 -2.16
N LEU B 232 -5.22 21.29 -3.02
CA LEU B 232 -4.53 21.03 -4.31
C LEU B 232 -3.04 20.82 -4.00
N ILE B 233 -2.47 19.72 -4.51
CA ILE B 233 -1.01 19.46 -4.41
C ILE B 233 -0.46 19.08 -5.79
N ASP B 234 0.87 19.19 -5.93
CA ASP B 234 1.72 18.66 -7.03
C ASP B 234 1.59 19.55 -8.27
N PHE B 235 2.37 20.62 -8.33
CA PHE B 235 2.40 21.61 -9.43
C PHE B 235 3.60 21.34 -10.34
N GLY B 236 4.09 20.10 -10.36
CA GLY B 236 5.28 19.68 -11.14
C GLY B 236 5.06 19.77 -12.64
N LYS B 237 3.81 19.79 -13.09
CA LYS B 237 3.45 19.86 -14.54
C LYS B 237 2.44 20.98 -14.80
N THR B 238 2.41 22.00 -13.94
CA THR B 238 1.55 23.19 -14.15
C THR B 238 2.41 24.27 -14.79
N THR B 239 2.06 24.72 -15.99
CA THR B 239 2.86 25.67 -16.83
C THR B 239 2.00 26.84 -17.28
N PRO B 240 2.57 28.06 -17.39
CA PRO B 240 1.82 29.22 -17.83
C PRO B 240 1.47 29.12 -19.32
N LEU B 241 0.45 29.86 -19.72
CA LEU B 241 0.01 30.01 -21.14
C LEU B 241 0.64 31.27 -21.69
N PRO B 242 0.81 31.39 -23.03
CA PRO B 242 1.31 32.61 -23.66
C PRO B 242 0.55 33.85 -23.20
N ASP B 243 1.22 35.00 -23.12
CA ASP B 243 0.66 36.27 -22.57
C ASP B 243 -0.74 36.49 -23.15
N GLY B 244 -1.73 36.77 -22.29
CA GLY B 244 -3.11 37.10 -22.70
C GLY B 244 -4.04 35.89 -22.76
N GLN B 245 -3.52 34.72 -23.15
N GLN B 245 -3.51 34.72 -23.15
CA GLN B 245 -4.31 33.47 -23.35
CA GLN B 245 -4.29 33.46 -23.35
C GLN B 245 -4.76 32.91 -22.01
C GLN B 245 -4.77 32.92 -21.99
N ILE B 246 -6.01 32.43 -21.94
CA ILE B 246 -6.62 31.80 -20.74
C ILE B 246 -7.19 30.43 -21.14
N LEU B 247 -7.42 29.56 -20.15
CA LEU B 247 -8.18 28.29 -20.31
C LEU B 247 -9.52 28.42 -19.58
N ASP B 248 -10.54 27.69 -20.03
CA ASP B 248 -11.84 27.64 -19.27
C ASP B 248 -11.88 26.39 -18.40
N HIS B 249 -11.05 25.38 -18.69
CA HIS B 249 -10.83 24.19 -17.85
C HIS B 249 -12.07 23.30 -17.78
N ARG B 250 -13.04 23.50 -18.69
CA ARG B 250 -14.20 22.60 -18.81
C ARG B 250 -14.29 21.99 -20.21
N ARG B 251 -13.87 22.70 -21.25
CA ARG B 251 -14.04 22.19 -22.64
C ARG B 251 -13.10 21.01 -22.92
N PRO B 252 -13.48 20.17 -23.91
CA PRO B 252 -12.67 19.03 -24.33
C PRO B 252 -11.25 19.45 -24.73
N TRP B 253 -10.29 18.60 -24.37
CA TRP B 253 -8.89 18.79 -24.81
C TRP B 253 -8.82 18.43 -26.29
N GLU B 254 -8.28 19.33 -27.09
CA GLU B 254 -7.94 19.11 -28.52
C GLU B 254 -6.49 19.58 -28.69
N GLU B 255 -5.60 18.69 -29.14
CA GLU B 255 -4.14 18.96 -29.22
C GLU B 255 -3.92 20.36 -29.80
N GLY B 256 -3.25 21.24 -29.05
CA GLY B 256 -3.04 22.66 -29.40
C GLY B 256 -3.73 23.61 -28.45
N ASN B 257 -4.86 23.22 -27.84
CA ASN B 257 -5.66 24.16 -26.99
C ASN B 257 -5.21 24.10 -25.53
N ARG B 258 -4.45 23.07 -25.16
CA ARG B 258 -3.78 22.93 -23.84
C ARG B 258 -4.84 22.84 -22.71
N GLU B 259 -6.08 22.50 -23.05
CA GLU B 259 -7.20 22.39 -22.06
C GLU B 259 -7.00 21.12 -21.22
N ASP B 260 -7.33 21.19 -19.93
CA ASP B 260 -6.98 20.10 -18.98
C ASP B 260 -8.21 19.42 -18.39
N GLY B 261 -9.43 19.95 -18.60
CA GLY B 261 -10.66 19.38 -18.01
C GLY B 261 -10.69 19.40 -16.49
N TYR B 262 -9.88 20.25 -15.85
CA TYR B 262 -9.75 20.31 -14.37
C TYR B 262 -11.14 20.52 -13.72
N LEU B 263 -11.87 21.55 -14.16
CA LEU B 263 -13.17 21.89 -13.55
C LEU B 263 -14.24 20.88 -13.96
N LEU B 264 -14.14 20.26 -15.14
CA LEU B 264 -15.04 19.13 -15.44
C LEU B 264 -14.89 18.08 -14.33
N GLY B 265 -13.63 17.73 -14.01
CA GLY B 265 -13.32 16.78 -12.95
C GLY B 265 -13.91 17.21 -11.61
N LEU B 266 -13.67 18.45 -11.18
CA LEU B 266 -14.16 18.92 -9.86
C LEU B 266 -15.69 18.95 -9.87
N ASP B 267 -16.32 19.35 -10.99
CA ASP B 267 -17.81 19.31 -11.09
C ASP B 267 -18.30 17.87 -10.83
N ASN B 268 -17.68 16.89 -11.46
CA ASN B 268 -18.11 15.47 -11.34
C ASN B 268 -17.87 14.98 -9.91
N LEU B 269 -16.72 15.32 -9.31
CA LEU B 269 -16.35 14.93 -7.93
C LEU B 269 -17.39 15.46 -6.95
N ILE B 270 -17.73 16.75 -7.06
CA ILE B 270 -18.77 17.36 -6.21
C ILE B 270 -20.08 16.61 -6.42
N GLY B 271 -20.46 16.31 -7.67
CA GLY B 271 -21.74 15.64 -7.94
C GLY B 271 -21.79 14.26 -7.29
N ILE B 272 -20.69 13.53 -7.34
CA ILE B 272 -20.58 12.16 -6.78
C ILE B 272 -20.68 12.22 -5.25
N LEU B 273 -19.99 13.15 -4.60
CA LEU B 273 -20.02 13.25 -3.11
C LEU B 273 -21.42 13.73 -2.67
N ALA B 274 -22.06 14.64 -3.41
CA ALA B 274 -23.44 15.09 -3.12
C ALA B 274 -24.40 13.89 -3.24
N SER B 275 -24.26 13.04 -4.27
CA SER B 275 -25.06 11.79 -4.43
C SER B 275 -24.88 10.89 -3.21
N LEU B 276 -23.63 10.66 -2.82
CA LEU B 276 -23.27 9.80 -1.65
C LEU B 276 -23.92 10.35 -0.37
N ALA B 277 -23.93 11.66 -0.19
CA ALA B 277 -24.47 12.34 1.02
C ALA B 277 -25.98 12.07 1.15
N GLU B 278 -26.69 11.88 0.04
CA GLU B 278 -28.16 11.64 0.00
C GLU B 278 -28.52 10.14 0.10
N ARG B 279 -27.54 9.22 0.04
CA ARG B 279 -27.78 7.75 0.07
C ARG B 279 -28.00 7.29 1.51
#